data_3LYB
#
_entry.id   3LYB
#
_cell.length_a   166.557
_cell.length_b   166.557
_cell.length_c   166.557
_cell.angle_alpha   90.000
_cell.angle_beta   90.000
_cell.angle_gamma   90.000
#
_symmetry.space_group_name_H-M   'I 2 3'
#
loop_
_entity.id
_entity.type
_entity.pdbx_description
1 polymer 'Putative endoribonuclease'
2 non-polymer 'CALCIUM ION'
3 water water
#
_entity_poly.entity_id   1
_entity_poly.type   'polypeptide(L)'
_entity_poly.pdbx_seq_one_letter_code
;(MSE)SLEAGAGAPLARYAAWRRAGDFIFLSGIIPVNPLTGTIVNGFQDVPEPVRELLGATGEFSTDAKQGPILAQSWYV
LESIRRTVASAGGQ(MSE)SDVIKLVQYFRNLDHFPYYSRVRKLFYPDQPPVSTVVQVSE(MSE)LPDATVLIEVEATVW
LPPSFNSEAEGHHHHHH
;
_entity_poly.pdbx_strand_id   A,B,C,D
#
# COMPACT_ATOMS: atom_id res chain seq x y z
N ALA A 15 12.18 -34.66 -9.69
CA ALA A 15 11.72 -35.24 -8.39
C ALA A 15 10.70 -34.33 -7.71
N ALA A 16 9.50 -34.87 -7.52
CA ALA A 16 8.36 -34.14 -6.95
C ALA A 16 8.38 -34.12 -5.42
N TRP A 17 9.02 -35.14 -4.84
CA TRP A 17 9.34 -35.20 -3.41
C TRP A 17 10.48 -36.12 -3.04
N ARG A 18 11.07 -35.87 -1.88
CA ARG A 18 12.22 -36.60 -1.40
C ARG A 18 12.20 -36.60 0.11
N ARG A 19 12.27 -37.80 0.70
CA ARG A 19 12.44 -37.94 2.17
C ARG A 19 13.90 -37.80 2.56
N ALA A 20 14.17 -36.95 3.55
CA ALA A 20 15.47 -36.90 4.18
C ALA A 20 15.17 -36.96 5.65
N GLY A 21 15.55 -38.06 6.29
CA GLY A 21 15.27 -38.26 7.71
C GLY A 21 13.79 -38.24 8.00
N ASP A 22 13.39 -37.33 8.87
CA ASP A 22 11.98 -37.16 9.26
C ASP A 22 11.24 -36.23 8.31
N PHE A 23 11.98 -35.36 7.62
CA PHE A 23 11.34 -34.42 6.71
C PHE A 23 11.15 -35.02 5.33
N ILE A 24 10.05 -34.62 4.69
CA ILE A 24 9.88 -34.82 3.26
C ILE A 24 9.83 -33.44 2.58
N PHE A 25 10.55 -33.34 1.47
CA PHE A 25 10.63 -32.08 0.73
C PHE A 25 9.92 -32.21 -0.59
N LEU A 26 9.05 -31.25 -0.87
CA LEU A 26 8.33 -31.18 -2.14
C LEU A 26 8.92 -30.11 -3.06
N SER A 27 9.07 -30.46 -4.33
CA SER A 27 9.26 -29.49 -5.39
C SER A 27 8.13 -28.47 -5.32
N GLY A 28 8.42 -27.23 -5.75
CA GLY A 28 7.38 -26.21 -5.85
C GLY A 28 6.24 -26.72 -6.71
N ILE A 29 5.01 -26.40 -6.33
CA ILE A 29 3.88 -26.93 -7.11
C ILE A 29 3.10 -25.86 -7.83
N ILE A 30 2.88 -26.09 -9.11
CA ILE A 30 2.10 -25.18 -9.96
C ILE A 30 0.74 -25.78 -10.35
N PRO A 31 -0.22 -24.95 -10.83
CA PRO A 31 -1.52 -25.49 -11.25
C PRO A 31 -1.62 -26.01 -12.68
N VAL A 32 -1.18 -27.25 -12.90
CA VAL A 32 -1.26 -27.89 -14.20
C VAL A 32 -2.35 -28.92 -14.22
N ASN A 33 -3.22 -28.88 -15.23
CA ASN A 33 -4.16 -29.97 -15.46
C ASN A 33 -3.33 -31.18 -15.87
N PRO A 34 -3.16 -32.14 -14.94
CA PRO A 34 -2.09 -33.14 -15.02
C PRO A 34 -2.41 -34.16 -16.08
N LEU A 35 -3.69 -34.20 -16.47
CA LEU A 35 -4.17 -35.08 -17.52
C LEU A 35 -4.43 -34.40 -18.89
N THR A 36 -4.35 -33.07 -18.97
CA THR A 36 -4.31 -32.38 -20.30
C THR A 36 -3.05 -31.53 -20.56
N GLY A 37 -2.11 -31.54 -19.61
CA GLY A 37 -0.88 -30.77 -19.71
C GLY A 37 -1.02 -29.26 -19.81
N THR A 38 -2.18 -28.70 -19.43
CA THR A 38 -2.38 -27.25 -19.52
C THR A 38 -2.66 -26.57 -18.20
N ILE A 39 -2.57 -25.25 -18.20
CA ILE A 39 -2.68 -24.49 -16.99
C ILE A 39 -4.14 -24.27 -16.63
N VAL A 40 -4.45 -24.60 -15.39
CA VAL A 40 -5.76 -24.40 -14.83
C VAL A 40 -6.13 -22.95 -15.00
N ASN A 41 -7.36 -22.69 -15.42
CA ASN A 41 -7.70 -21.33 -15.82
C ASN A 41 -9.01 -20.78 -15.30
N GLY A 42 -9.80 -21.65 -14.67
CA GLY A 42 -11.01 -21.20 -14.03
C GLY A 42 -11.84 -22.29 -13.43
N PHE A 43 -13.02 -21.90 -12.97
CA PHE A 43 -13.94 -22.81 -12.31
C PHE A 43 -14.29 -24.05 -13.14
N GLN A 44 -14.28 -23.93 -14.46
CA GLN A 44 -14.53 -25.09 -15.30
C GLN A 44 -13.54 -26.24 -15.04
N ASP A 45 -12.33 -25.92 -14.57
CA ASP A 45 -11.32 -26.95 -14.27
C ASP A 45 -11.57 -27.64 -12.92
N VAL A 46 -12.59 -27.23 -12.16
CA VAL A 46 -12.88 -27.89 -10.88
C VAL A 46 -14.27 -28.48 -10.84
N PRO A 47 -14.46 -29.56 -10.04
CA PRO A 47 -15.74 -30.22 -9.94
C PRO A 47 -16.76 -29.26 -9.36
N GLU A 48 -18.01 -29.45 -9.79
CA GLU A 48 -19.10 -28.53 -9.50
C GLU A 48 -19.29 -28.24 -8.02
N PRO A 49 -19.26 -29.30 -7.16
CA PRO A 49 -19.49 -28.95 -5.74
C PRO A 49 -18.31 -28.20 -5.09
N VAL A 50 -17.10 -28.36 -5.65
CA VAL A 50 -15.92 -27.64 -5.16
C VAL A 50 -16.00 -26.15 -5.50
N ARG A 51 -16.64 -25.83 -6.63
CA ARG A 51 -16.89 -24.45 -7.05
C ARG A 51 -17.65 -23.65 -5.98
N GLU A 52 -18.74 -24.23 -5.47
CA GLU A 52 -19.49 -23.58 -4.39
C GLU A 52 -18.53 -23.33 -3.22
N LEU A 53 -17.73 -24.35 -2.89
CA LEU A 53 -16.79 -24.27 -1.76
C LEU A 53 -15.77 -23.13 -1.92
N LEU A 54 -15.23 -22.98 -3.13
CA LEU A 54 -14.30 -21.91 -3.44
C LEU A 54 -14.93 -20.51 -3.44
N GLY A 55 -16.26 -20.44 -3.52
CA GLY A 55 -16.96 -19.16 -3.44
C GLY A 55 -17.57 -18.68 -4.74
N ALA A 56 -17.70 -19.55 -5.73
CA ALA A 56 -18.39 -19.20 -6.99
C ALA A 56 -19.78 -18.60 -6.72
N THR A 57 -20.15 -17.57 -7.47
CA THR A 57 -21.38 -16.84 -7.17
C THR A 57 -22.45 -17.04 -8.22
N GLY A 58 -22.09 -17.56 -9.38
CA GLY A 58 -23.05 -17.71 -10.49
C GLY A 58 -23.15 -16.54 -11.46
N GLU A 59 -22.66 -15.36 -11.04
CA GLU A 59 -22.63 -14.17 -11.87
C GLU A 59 -21.42 -14.22 -12.79
N PHE A 60 -21.69 -14.11 -14.08
CA PHE A 60 -20.66 -14.16 -15.10
C PHE A 60 -19.33 -13.44 -14.75
N SER A 61 -19.38 -12.15 -14.41
CA SER A 61 -18.16 -11.36 -14.29
C SER A 61 -17.37 -11.58 -13.01
N THR A 62 -18.09 -11.75 -11.89
CA THR A 62 -17.47 -12.10 -10.64
C THR A 62 -16.66 -13.39 -10.80
N ASP A 63 -17.26 -14.34 -11.50
CA ASP A 63 -16.65 -15.65 -11.65
C ASP A 63 -15.50 -15.66 -12.64
N ALA A 64 -15.67 -14.95 -13.74
CA ALA A 64 -14.58 -14.73 -14.67
C ALA A 64 -13.36 -14.20 -13.92
N LYS A 65 -13.55 -13.28 -12.97
CA LYS A 65 -12.45 -12.63 -12.23
C LYS A 65 -11.84 -13.44 -11.08
N GLN A 66 -12.65 -14.21 -10.34
CA GLN A 66 -12.09 -14.96 -9.23
C GLN A 66 -11.71 -16.35 -9.61
N GLY A 67 -12.38 -16.86 -10.63
CA GLY A 67 -12.19 -18.26 -10.99
C GLY A 67 -10.76 -18.71 -11.17
N PRO A 68 -9.93 -17.91 -11.90
CA PRO A 68 -8.56 -18.40 -12.11
C PRO A 68 -7.76 -18.59 -10.83
N ILE A 69 -7.72 -17.58 -9.95
CA ILE A 69 -6.89 -17.71 -8.77
C ILE A 69 -7.45 -18.79 -7.85
N LEU A 70 -8.79 -18.84 -7.74
CA LEU A 70 -9.38 -19.83 -6.83
C LEU A 70 -9.14 -21.23 -7.34
N ALA A 71 -9.31 -21.43 -8.64
CA ALA A 71 -9.12 -22.76 -9.18
C ALA A 71 -7.66 -23.15 -9.11
N GLN A 72 -6.77 -22.18 -9.36
CA GLN A 72 -5.33 -22.46 -9.35
C GLN A 72 -4.92 -22.78 -7.93
N SER A 73 -5.51 -22.07 -6.96
CA SER A 73 -5.15 -22.32 -5.59
C SER A 73 -5.60 -23.71 -5.17
N TRP A 74 -6.77 -24.15 -5.65
CA TRP A 74 -7.27 -25.47 -5.31
C TRP A 74 -6.36 -26.54 -5.87
N TYR A 75 -5.91 -26.39 -7.11
CA TYR A 75 -5.07 -27.44 -7.70
C TYR A 75 -3.73 -27.61 -7.01
N VAL A 76 -3.18 -26.51 -6.52
CA VAL A 76 -1.89 -26.52 -5.89
C VAL A 76 -2.01 -27.18 -4.52
N LEU A 77 -2.97 -26.70 -3.74
CA LEU A 77 -3.15 -27.20 -2.40
C LEU A 77 -3.61 -28.65 -2.39
N GLU A 78 -4.48 -29.02 -3.32
CA GLU A 78 -4.97 -30.38 -3.41
C GLU A 78 -3.89 -31.31 -3.96
N SER A 79 -2.94 -30.74 -4.71
CA SER A 79 -1.82 -31.55 -5.17
C SER A 79 -0.93 -31.88 -3.99
N ILE A 80 -0.75 -30.90 -3.12
CA ILE A 80 0.07 -31.05 -1.93
C ILE A 80 -0.59 -32.05 -0.99
N ARG A 81 -1.91 -31.90 -0.77
CA ARG A 81 -2.63 -32.81 0.10
C ARG A 81 -2.50 -34.24 -0.36
N ARG A 82 -2.71 -34.47 -1.66
CA ARG A 82 -2.62 -35.81 -2.22
C ARG A 82 -1.20 -36.34 -2.19
N THR A 83 -0.24 -35.47 -2.40
CA THR A 83 1.14 -35.93 -2.42
C THR A 83 1.49 -36.41 -1.01
N VAL A 84 1.08 -35.64 0.00
CA VAL A 84 1.29 -35.97 1.41
C VAL A 84 0.44 -37.16 1.89
N ALA A 85 -0.82 -37.24 1.45
CA ALA A 85 -1.71 -38.36 1.81
C ALA A 85 -1.09 -39.70 1.42
N SER A 86 -0.52 -39.74 0.21
CA SER A 86 0.02 -40.94 -0.40
C SER A 86 1.27 -41.45 0.33
N ALA A 87 1.91 -40.55 1.09
CA ALA A 87 3.10 -40.89 1.85
C ALA A 87 2.76 -41.16 3.33
N GLY A 88 1.47 -41.31 3.65
CA GLY A 88 1.02 -41.59 5.02
C GLY A 88 0.68 -40.36 5.86
N GLY A 89 1.04 -39.18 5.38
CA GLY A 89 0.89 -37.95 6.18
C GLY A 89 -0.41 -37.19 6.05
N GLN A 90 -0.47 -36.01 6.64
CA GLN A 90 -1.66 -35.16 6.61
C GLN A 90 -1.29 -33.67 6.46
N SER A 92 -1.69 -31.40 8.56
CA SER A 92 -1.05 -30.94 9.81
C SER A 92 0.45 -31.27 9.87
N ASP A 93 0.88 -32.19 9.01
CA ASP A 93 2.27 -32.55 8.90
C ASP A 93 3.03 -31.61 7.96
N VAL A 94 2.28 -30.92 7.11
CA VAL A 94 2.85 -29.93 6.22
C VAL A 94 3.05 -28.68 7.05
N ILE A 95 4.24 -28.55 7.61
CA ILE A 95 4.52 -27.50 8.59
C ILE A 95 4.80 -26.10 8.01
N LYS A 96 5.38 -26.06 6.80
CA LYS A 96 5.89 -24.84 6.18
C LYS A 96 5.49 -24.66 4.72
N LEU A 97 5.04 -23.46 4.38
CA LEU A 97 4.71 -23.16 3.01
C LEU A 97 5.43 -21.91 2.56
N VAL A 98 6.02 -21.97 1.37
CA VAL A 98 6.52 -20.76 0.73
C VAL A 98 5.64 -20.55 -0.50
N GLN A 99 5.10 -19.35 -0.62
CA GLN A 99 4.00 -19.05 -1.54
C GLN A 99 4.34 -17.84 -2.40
N TYR A 100 4.44 -18.08 -3.70
CA TYR A 100 4.85 -17.09 -4.69
C TYR A 100 3.69 -16.70 -5.55
N PHE A 101 3.47 -15.39 -5.67
CA PHE A 101 2.36 -14.81 -6.41
C PHE A 101 2.89 -13.90 -7.48
N ARG A 102 2.14 -13.76 -8.58
CA ARG A 102 2.41 -12.70 -9.55
C ARG A 102 1.78 -11.39 -9.08
N ASN A 103 0.65 -11.50 -8.40
CA ASN A 103 -0.07 -10.36 -7.92
C ASN A 103 -0.60 -10.59 -6.48
N LEU A 104 0.02 -9.90 -5.52
CA LEU A 104 -0.42 -10.07 -4.15
C LEU A 104 -1.89 -9.76 -3.95
N ASP A 105 -2.47 -9.01 -4.88
CA ASP A 105 -3.92 -8.76 -4.78
C ASP A 105 -4.73 -10.07 -4.85
N HIS A 106 -4.09 -11.16 -5.21
CA HIS A 106 -4.77 -12.44 -5.27
C HIS A 106 -4.71 -13.13 -3.92
N PHE A 107 -3.93 -12.59 -2.99
CA PHE A 107 -3.77 -13.19 -1.67
C PHE A 107 -5.12 -13.55 -0.97
N PRO A 108 -6.07 -12.59 -0.85
CA PRO A 108 -7.34 -12.94 -0.19
C PRO A 108 -7.99 -14.18 -0.78
N TYR A 109 -7.90 -14.33 -2.09
CA TYR A 109 -8.48 -15.50 -2.72
C TYR A 109 -7.73 -16.74 -2.31
N TYR A 110 -6.40 -16.70 -2.45
CA TYR A 110 -5.59 -17.82 -2.08
C TYR A 110 -5.82 -18.20 -0.61
N SER A 111 -5.95 -17.19 0.24
CA SER A 111 -6.04 -17.41 1.67
C SER A 111 -7.39 -18.03 2.05
N ARG A 112 -8.44 -17.66 1.33
CA ARG A 112 -9.71 -18.34 1.46
C ARG A 112 -9.53 -19.85 1.18
N VAL A 113 -8.79 -20.22 0.14
CA VAL A 113 -8.61 -21.64 -0.17
C VAL A 113 -7.69 -22.37 0.85
N ARG A 114 -6.60 -21.72 1.25
CA ARG A 114 -5.66 -22.33 2.20
C ARG A 114 -6.33 -22.69 3.52
N LYS A 115 -7.32 -21.90 3.93
CA LYS A 115 -8.10 -22.15 5.16
C LYS A 115 -8.81 -23.48 5.11
N LEU A 116 -9.38 -23.77 3.96
CA LEU A 116 -9.94 -25.07 3.66
C LEU A 116 -8.95 -26.22 3.94
N PHE A 117 -7.66 -26.03 3.72
CA PHE A 117 -6.79 -27.20 3.83
C PHE A 117 -6.19 -27.38 5.21
N TYR A 118 -6.27 -26.35 6.03
CA TYR A 118 -5.69 -26.33 7.35
C TYR A 118 -6.71 -26.03 8.47
N PRO A 119 -7.56 -27.02 8.80
CA PRO A 119 -8.65 -26.78 9.79
C PRO A 119 -8.20 -26.68 11.26
N ASP A 120 -7.15 -27.42 11.63
CA ASP A 120 -6.65 -27.49 13.03
C ASP A 120 -5.22 -26.92 13.26
N GLN A 121 -4.23 -27.35 12.48
CA GLN A 121 -2.81 -26.93 12.65
C GLN A 121 -2.21 -26.16 11.45
N PRO A 122 -2.54 -24.85 11.29
CA PRO A 122 -1.90 -24.01 10.25
C PRO A 122 -0.35 -24.05 10.21
N PRO A 123 0.23 -24.00 8.97
CA PRO A 123 1.67 -24.07 8.80
C PRO A 123 2.33 -22.71 8.99
N VAL A 124 3.65 -22.71 9.08
CA VAL A 124 4.45 -21.51 9.05
C VAL A 124 4.43 -20.99 7.60
N SER A 125 4.45 -19.67 7.42
CA SER A 125 4.14 -19.08 6.12
C SER A 125 5.07 -17.95 5.65
N THR A 126 5.48 -18.00 4.38
CA THR A 126 6.16 -16.87 3.73
C THR A 126 5.43 -16.61 2.43
N VAL A 127 5.22 -15.35 2.11
CA VAL A 127 4.44 -14.94 0.97
C VAL A 127 5.14 -13.77 0.26
N VAL A 128 5.43 -13.94 -1.01
CA VAL A 128 6.04 -12.89 -1.81
C VAL A 128 5.43 -12.79 -3.18
N GLN A 129 5.52 -11.58 -3.74
CA GLN A 129 5.22 -11.36 -5.13
C GLN A 129 6.51 -11.40 -5.91
N VAL A 130 6.59 -12.33 -6.86
CA VAL A 130 7.72 -12.41 -7.79
C VAL A 130 7.19 -12.07 -9.20
N SER A 131 8.03 -12.11 -10.22
CA SER A 131 7.60 -11.69 -11.56
C SER A 131 6.83 -12.78 -12.26
N GLU A 132 7.31 -13.99 -12.10
CA GLU A 132 6.87 -15.07 -12.96
C GLU A 132 7.28 -16.42 -12.39
N LEU A 134 7.18 -20.89 -13.83
CA LEU A 134 7.05 -21.84 -14.92
C LEU A 134 5.63 -22.35 -15.03
N PRO A 135 5.19 -22.72 -16.24
CA PRO A 135 5.92 -22.69 -17.51
C PRO A 135 5.79 -21.35 -18.22
N ASP A 136 4.85 -20.50 -17.76
CA ASP A 136 4.62 -19.16 -18.37
C ASP A 136 3.88 -18.22 -17.42
N ALA A 137 3.55 -17.03 -17.92
CA ALA A 137 2.99 -15.98 -17.08
C ALA A 137 1.55 -16.19 -16.66
N THR A 138 0.89 -17.27 -17.10
CA THR A 138 -0.50 -17.49 -16.66
C THR A 138 -0.63 -18.25 -15.35
N VAL A 139 0.49 -18.77 -14.84
CA VAL A 139 0.54 -19.32 -13.52
C VAL A 139 0.54 -18.16 -12.53
N LEU A 140 -0.43 -18.17 -11.62
CA LEU A 140 -0.67 -17.05 -10.70
C LEU A 140 -0.16 -17.30 -9.32
N ILE A 141 -0.01 -18.58 -8.97
CA ILE A 141 0.28 -19.01 -7.61
C ILE A 141 1.22 -20.22 -7.70
N GLU A 142 2.25 -20.25 -6.84
CA GLU A 142 3.08 -21.46 -6.70
C GLU A 142 3.40 -21.67 -5.24
N VAL A 143 3.28 -22.90 -4.78
CA VAL A 143 3.51 -23.19 -3.37
C VAL A 143 4.55 -24.27 -3.16
N GLU A 144 5.60 -23.97 -2.38
CA GLU A 144 6.61 -24.95 -1.98
C GLU A 144 6.27 -25.43 -0.58
N ALA A 145 6.07 -26.75 -0.44
CA ALA A 145 5.66 -27.31 0.82
C ALA A 145 6.80 -28.10 1.49
N THR A 146 6.90 -27.96 2.81
CA THR A 146 7.82 -28.78 3.60
C THR A 146 7.05 -29.59 4.69
N VAL A 147 7.30 -30.91 4.70
CA VAL A 147 6.59 -31.87 5.57
C VAL A 147 7.51 -32.48 6.63
N TRP A 148 7.06 -32.46 7.88
CA TRP A 148 7.70 -33.26 8.94
C TRP A 148 6.84 -34.49 9.28
N LEU A 149 7.33 -35.66 8.88
CA LEU A 149 6.61 -36.92 9.06
C LEU A 149 7.55 -38.09 9.44
N PRO A 150 7.88 -38.22 10.75
CA PRO A 150 8.63 -39.39 11.30
C PRO A 150 7.95 -40.76 11.11
N TYR B 14 24.52 22.02 5.93
CA TYR B 14 23.88 23.12 5.15
C TYR B 14 23.84 24.42 5.97
N ALA B 15 24.10 25.54 5.29
CA ALA B 15 23.95 26.87 5.86
C ALA B 15 22.73 27.57 5.23
N ALA B 16 21.77 27.98 6.06
CA ALA B 16 20.55 28.63 5.56
C ALA B 16 20.89 29.70 4.51
N TRP B 17 21.71 30.68 4.92
CA TRP B 17 22.29 31.69 4.02
C TRP B 17 23.76 31.97 4.30
N ARG B 18 24.36 32.78 3.44
CA ARG B 18 25.79 33.10 3.51
C ARG B 18 26.05 34.40 2.75
N ARG B 19 26.86 35.26 3.36
CA ARG B 19 27.29 36.52 2.75
C ARG B 19 28.64 36.36 2.07
N ALA B 20 28.79 37.05 0.94
CA ALA B 20 30.03 37.08 0.17
C ALA B 20 30.07 38.38 -0.62
N GLY B 21 30.89 39.32 -0.14
CA GLY B 21 30.85 40.69 -0.66
C GLY B 21 29.46 41.26 -0.41
N ASP B 22 28.91 41.89 -1.43
CA ASP B 22 27.60 42.53 -1.34
C ASP B 22 26.45 41.53 -1.56
N PHE B 23 26.82 40.26 -1.65
CA PHE B 23 25.88 39.22 -2.02
C PHE B 23 25.54 38.31 -0.86
N ILE B 24 24.30 37.84 -0.87
CA ILE B 24 23.86 36.82 0.06
C ILE B 24 23.26 35.69 -0.76
N PHE B 25 23.77 34.49 -0.51
CA PHE B 25 23.32 33.29 -1.21
C PHE B 25 22.47 32.44 -0.29
N LEU B 26 21.27 32.08 -0.74
CA LEU B 26 20.43 31.15 0.02
C LEU B 26 20.63 29.74 -0.49
N SER B 27 20.58 28.79 0.43
CA SER B 27 20.36 27.41 0.06
C SER B 27 19.01 27.29 -0.63
N GLY B 28 18.90 26.35 -1.57
CA GLY B 28 17.60 26.05 -2.21
C GLY B 28 16.60 25.73 -1.14
N ILE B 29 15.41 26.32 -1.22
CA ILE B 29 14.43 26.13 -0.15
C ILE B 29 13.26 25.25 -0.60
N ILE B 30 12.84 24.35 0.29
CA ILE B 30 11.73 23.46 0.02
C ILE B 30 10.59 23.70 1.04
N PRO B 31 9.35 23.30 0.70
CA PRO B 31 8.22 23.58 1.61
C PRO B 31 8.11 22.62 2.80
N VAL B 32 9.08 22.67 3.71
CA VAL B 32 9.01 21.88 4.92
C VAL B 32 8.89 22.77 6.13
N ASN B 33 8.10 22.29 7.10
CA ASN B 33 8.03 22.95 8.40
C ASN B 33 9.37 22.79 9.13
N PRO B 34 10.04 23.91 9.48
CA PRO B 34 11.26 23.75 10.30
C PRO B 34 10.93 23.12 11.66
N LEU B 35 9.67 23.29 12.09
CA LEU B 35 9.19 22.72 13.36
C LEU B 35 8.80 21.26 13.16
N THR B 36 7.53 21.02 12.82
CA THR B 36 6.98 19.67 12.66
C THR B 36 7.91 18.70 11.92
N GLY B 37 8.54 19.19 10.86
CA GLY B 37 9.24 18.32 9.90
C GLY B 37 8.25 17.89 8.82
N THR B 38 7.09 18.54 8.81
CA THR B 38 6.03 18.26 7.85
C THR B 38 6.35 18.86 6.48
N ILE B 39 6.05 18.10 5.43
CA ILE B 39 5.98 18.60 4.06
C ILE B 39 4.62 19.25 3.90
N VAL B 40 4.61 20.48 3.41
CA VAL B 40 3.40 21.23 3.11
C VAL B 40 2.60 20.52 2.01
N ASN B 41 1.34 20.21 2.26
CA ASN B 41 0.60 19.38 1.29
C ASN B 41 -0.70 19.94 0.73
N GLY B 42 -1.10 21.12 1.18
CA GLY B 42 -2.31 21.74 0.69
C GLY B 42 -2.64 22.96 1.51
N PHE B 43 -3.82 23.53 1.23
CA PHE B 43 -4.30 24.77 1.87
C PHE B 43 -4.30 24.78 3.41
N GLN B 44 -4.67 23.64 3.98
CA GLN B 44 -4.71 23.47 5.43
C GLN B 44 -3.38 23.80 6.11
N ASP B 45 -2.30 23.83 5.36
CA ASP B 45 -0.99 24.17 5.96
C ASP B 45 -0.62 25.65 5.86
N VAL B 46 -1.53 26.47 5.35
CA VAL B 46 -1.23 27.89 5.25
C VAL B 46 -2.27 28.77 5.95
N PRO B 47 -1.84 29.96 6.40
CA PRO B 47 -2.73 30.92 7.02
C PRO B 47 -4.04 31.07 6.25
N GLU B 48 -5.14 31.13 6.99
CA GLU B 48 -6.46 31.12 6.37
C GLU B 48 -6.67 32.20 5.29
N PRO B 49 -6.31 33.46 5.58
CA PRO B 49 -6.63 34.41 4.51
C PRO B 49 -5.66 34.29 3.35
N VAL B 50 -4.52 33.63 3.58
CA VAL B 50 -3.56 33.36 2.49
C VAL B 50 -4.18 32.39 1.47
N ARG B 51 -5.09 31.54 1.92
CA ARG B 51 -5.75 30.63 1.01
C ARG B 51 -6.46 31.33 -0.11
N GLU B 52 -7.38 32.25 0.22
CA GLU B 52 -8.16 32.91 -0.86
C GLU B 52 -7.24 33.90 -1.58
N LEU B 53 -6.14 34.25 -0.95
CA LEU B 53 -5.09 35.01 -1.62
C LEU B 53 -4.27 34.19 -2.64
N LEU B 54 -4.25 32.87 -2.49
CA LEU B 54 -3.63 32.01 -3.50
C LEU B 54 -4.67 31.59 -4.55
N GLY B 55 -5.93 31.93 -4.32
CA GLY B 55 -6.96 31.66 -5.31
C GLY B 55 -7.80 30.46 -4.98
N ALA B 56 -7.84 30.06 -3.71
CA ALA B 56 -8.76 29.00 -3.29
C ALA B 56 -10.20 29.34 -3.68
N THR B 57 -10.98 28.34 -4.08
CA THR B 57 -12.33 28.62 -4.59
C THR B 57 -13.40 28.14 -3.60
N GLY B 58 -13.01 27.27 -2.68
CA GLY B 58 -13.96 26.71 -1.73
C GLY B 58 -14.51 25.38 -2.21
N GLU B 59 -14.35 25.11 -3.51
CA GLU B 59 -14.74 23.82 -4.12
C GLU B 59 -13.80 22.74 -3.67
N PHE B 60 -14.35 21.61 -3.28
CA PHE B 60 -13.54 20.56 -2.72
C PHE B 60 -12.48 20.05 -3.71
N SER B 61 -12.94 19.69 -4.90
CA SER B 61 -12.13 19.02 -5.90
C SER B 61 -11.10 19.94 -6.52
N THR B 62 -11.50 21.19 -6.76
CA THR B 62 -10.58 22.17 -7.32
C THR B 62 -9.47 22.45 -6.31
N ASP B 63 -9.87 22.60 -5.05
CA ASP B 63 -8.92 22.98 -4.01
C ASP B 63 -7.95 21.83 -3.73
N ALA B 64 -8.44 20.60 -3.85
CA ALA B 64 -7.55 19.43 -3.72
C ALA B 64 -6.49 19.41 -4.81
N LYS B 65 -6.88 19.74 -6.05
CA LYS B 65 -5.94 19.78 -7.18
C LYS B 65 -4.96 20.97 -7.16
N GLN B 66 -5.43 22.18 -6.82
CA GLN B 66 -4.56 23.37 -6.82
C GLN B 66 -3.85 23.63 -5.49
N GLY B 67 -4.45 23.14 -4.41
CA GLY B 67 -3.93 23.34 -3.06
C GLY B 67 -2.46 23.07 -2.88
N PRO B 68 -1.98 21.90 -3.34
CA PRO B 68 -0.59 21.57 -2.95
C PRO B 68 0.50 22.44 -3.58
N ILE B 69 0.38 22.72 -4.87
CA ILE B 69 1.36 23.57 -5.54
C ILE B 69 1.30 25.02 -5.01
N LEU B 70 0.08 25.54 -4.77
CA LEU B 70 -0.11 26.90 -4.29
C LEU B 70 0.49 27.02 -2.90
N ALA B 71 0.09 26.10 -2.03
CA ALA B 71 0.58 26.08 -0.67
C ALA B 71 2.09 25.95 -0.60
N GLN B 72 2.67 25.03 -1.36
CA GLN B 72 4.12 24.83 -1.35
C GLN B 72 4.86 26.05 -1.91
N SER B 73 4.32 26.64 -2.97
CA SER B 73 4.97 27.79 -3.54
C SER B 73 4.98 28.92 -2.51
N TRP B 74 3.83 29.11 -1.88
CA TRP B 74 3.69 30.24 -1.00
C TRP B 74 4.69 30.01 0.14
N TYR B 75 4.63 28.83 0.72
CA TYR B 75 5.49 28.48 1.84
C TYR B 75 6.96 28.71 1.54
N VAL B 76 7.37 28.44 0.30
CA VAL B 76 8.77 28.56 -0.05
C VAL B 76 9.13 30.01 -0.23
N LEU B 77 8.28 30.72 -0.97
CA LEU B 77 8.49 32.14 -1.23
C LEU B 77 8.52 32.97 0.04
N GLU B 78 7.58 32.71 0.95
CA GLU B 78 7.55 33.35 2.26
C GLU B 78 8.78 33.02 3.11
N SER B 79 9.29 31.79 3.01
CA SER B 79 10.54 31.43 3.68
C SER B 79 11.66 32.32 3.20
N ILE B 80 11.73 32.52 1.89
CA ILE B 80 12.75 33.35 1.30
C ILE B 80 12.60 34.71 1.91
N ARG B 81 11.41 35.28 1.86
CA ARG B 81 11.17 36.58 2.49
C ARG B 81 11.68 36.61 3.92
N ARG B 82 11.20 35.72 4.78
CA ARG B 82 11.63 35.74 6.18
C ARG B 82 13.13 35.61 6.37
N THR B 83 13.76 34.78 5.56
CA THR B 83 15.20 34.60 5.62
C THR B 83 15.88 35.90 5.23
N VAL B 84 15.50 36.44 4.08
CA VAL B 84 16.06 37.70 3.60
C VAL B 84 15.91 38.82 4.65
N ALA B 85 14.87 38.73 5.46
CA ALA B 85 14.63 39.69 6.51
C ALA B 85 15.66 39.52 7.62
N SER B 86 15.98 38.28 7.97
CA SER B 86 16.93 37.97 9.04
C SER B 86 18.38 38.35 8.68
N ALA B 87 18.53 39.12 7.61
CA ALA B 87 19.84 39.60 7.17
C ALA B 87 19.72 41.07 6.75
N GLY B 88 18.54 41.65 6.99
CA GLY B 88 18.32 43.09 6.79
C GLY B 88 17.65 43.51 5.50
N GLY B 89 17.56 42.60 4.52
CA GLY B 89 17.03 42.93 3.19
C GLY B 89 15.54 42.66 3.02
N GLN B 90 14.99 43.12 1.89
CA GLN B 90 13.57 42.93 1.55
C GLN B 90 13.42 42.09 0.29
N SER B 92 12.63 42.76 -2.57
CA SER B 92 13.12 43.39 -3.80
C SER B 92 14.66 43.39 -3.97
N ASP B 93 15.39 42.88 -2.98
CA ASP B 93 16.85 42.71 -3.08
C ASP B 93 17.22 41.30 -3.53
N VAL B 94 16.22 40.41 -3.57
CA VAL B 94 16.39 39.09 -4.16
C VAL B 94 16.35 39.23 -5.66
N ILE B 95 17.50 39.33 -6.31
CA ILE B 95 17.56 39.58 -7.76
C ILE B 95 17.53 38.33 -8.68
N LYS B 96 17.92 37.18 -8.16
CA LYS B 96 17.99 35.96 -8.95
C LYS B 96 17.21 34.87 -8.26
N LEU B 97 16.37 34.20 -9.03
CA LEU B 97 15.74 32.96 -8.53
C LEU B 97 16.02 31.80 -9.48
N VAL B 98 16.41 30.66 -8.92
CA VAL B 98 16.42 29.41 -9.68
C VAL B 98 15.27 28.52 -9.16
N GLN B 99 14.33 28.21 -10.04
CA GLN B 99 13.13 27.47 -9.65
C GLN B 99 13.03 26.10 -10.30
N TYR B 100 12.93 25.07 -9.46
CA TYR B 100 12.94 23.67 -9.87
C TYR B 100 11.57 23.04 -9.65
N PHE B 101 11.01 22.47 -10.71
CA PHE B 101 9.70 21.82 -10.64
C PHE B 101 9.78 20.35 -10.95
N ARG B 102 8.90 19.59 -10.32
CA ARG B 102 8.63 18.22 -10.75
C ARG B 102 7.75 18.21 -12.00
N ASN B 103 6.99 19.28 -12.22
CA ASN B 103 6.01 19.32 -13.30
C ASN B 103 5.70 20.75 -13.74
N LEU B 104 6.23 21.14 -14.89
CA LEU B 104 6.01 22.51 -15.35
C LEU B 104 4.54 22.89 -15.65
N ASP B 105 3.65 21.89 -15.65
CA ASP B 105 2.26 22.21 -15.81
C ASP B 105 1.77 22.99 -14.60
N HIS B 106 2.57 22.95 -13.53
CA HIS B 106 2.34 23.67 -12.28
C HIS B 106 2.79 25.14 -12.36
N PHE B 107 3.44 25.52 -13.45
CA PHE B 107 3.99 26.85 -13.57
C PHE B 107 3.01 28.02 -13.39
N PRO B 108 1.86 28.00 -14.09
CA PRO B 108 0.84 29.03 -13.88
C PRO B 108 0.47 29.25 -12.41
N TYR B 109 0.43 28.18 -11.62
CA TYR B 109 0.14 28.31 -10.19
C TYR B 109 1.26 29.03 -9.46
N TYR B 110 2.48 28.62 -9.72
CA TYR B 110 3.62 29.23 -9.07
C TYR B 110 3.73 30.74 -9.43
N SER B 111 3.57 31.01 -10.73
CA SER B 111 3.59 32.36 -11.27
C SER B 111 2.54 33.27 -10.61
N ARG B 112 1.34 32.75 -10.36
CA ARG B 112 0.32 33.53 -9.63
C ARG B 112 0.95 33.97 -8.31
N VAL B 113 1.46 33.00 -7.56
CA VAL B 113 2.04 33.25 -6.24
C VAL B 113 3.23 34.20 -6.29
N ARG B 114 4.10 34.04 -7.28
CA ARG B 114 5.31 34.85 -7.34
C ARG B 114 4.96 36.33 -7.51
N LYS B 115 3.95 36.62 -8.32
CA LYS B 115 3.43 37.97 -8.45
C LYS B 115 3.12 38.66 -7.10
N LEU B 116 2.53 37.90 -6.16
CA LEU B 116 2.24 38.42 -4.83
C LEU B 116 3.47 38.88 -4.05
N PHE B 117 4.67 38.50 -4.48
CA PHE B 117 5.89 38.83 -3.74
C PHE B 117 6.73 39.85 -4.49
N TYR B 118 6.49 39.95 -5.79
CA TYR B 118 7.13 40.92 -6.63
C TYR B 118 6.02 41.61 -7.41
N PRO B 119 5.31 42.55 -6.73
CA PRO B 119 4.22 43.26 -7.39
C PRO B 119 4.81 44.26 -8.38
N ASP B 120 5.89 44.92 -7.94
CA ASP B 120 6.64 45.83 -8.82
C ASP B 120 7.47 45.05 -9.85
N GLN B 121 8.80 45.17 -9.82
CA GLN B 121 9.67 44.54 -10.86
C GLN B 121 10.26 43.14 -10.48
N PRO B 122 9.76 42.06 -11.14
CA PRO B 122 10.16 40.65 -10.88
C PRO B 122 11.69 40.39 -10.93
N PRO B 123 12.18 39.25 -10.41
CA PRO B 123 13.62 39.01 -10.49
C PRO B 123 14.07 38.28 -11.77
N VAL B 124 15.38 38.18 -11.95
CA VAL B 124 15.97 37.26 -12.93
C VAL B 124 15.54 35.83 -12.58
N SER B 125 15.36 35.01 -13.60
CA SER B 125 14.60 33.75 -13.41
C SER B 125 15.03 32.57 -14.29
N THR B 126 15.28 31.47 -13.63
CA THR B 126 15.45 30.20 -14.30
C THR B 126 14.40 29.23 -13.80
N VAL B 127 13.82 28.49 -14.72
CA VAL B 127 12.72 27.57 -14.42
C VAL B 127 12.98 26.27 -15.18
N VAL B 128 13.21 25.19 -14.44
CA VAL B 128 13.36 23.86 -15.07
C VAL B 128 12.56 22.76 -14.38
N GLN B 129 12.15 21.77 -15.17
CA GLN B 129 11.53 20.57 -14.64
C GLN B 129 12.59 19.52 -14.39
N VAL B 130 12.75 19.17 -13.13
CA VAL B 130 13.65 18.08 -12.75
C VAL B 130 12.84 16.88 -12.28
N SER B 131 13.50 15.79 -11.91
CA SER B 131 12.81 14.58 -11.50
C SER B 131 12.33 14.69 -10.08
N GLU B 132 13.18 15.15 -9.18
CA GLU B 132 12.84 15.06 -7.77
C GLU B 132 13.61 16.09 -6.98
N LEU B 134 14.63 16.92 -2.56
CA LEU B 134 14.63 16.41 -1.20
C LEU B 134 13.41 16.94 -0.46
N PRO B 135 12.91 16.19 0.53
CA PRO B 135 13.36 14.89 1.00
C PRO B 135 12.65 13.73 0.34
N ASP B 136 11.59 13.99 -0.42
CA ASP B 136 10.86 12.98 -1.19
C ASP B 136 10.07 13.58 -2.39
N ALA B 137 9.42 12.70 -3.15
CA ALA B 137 8.70 13.06 -4.37
C ALA B 137 7.48 13.94 -4.17
N THR B 138 6.95 14.06 -2.97
CA THR B 138 5.82 14.99 -2.73
C THR B 138 6.21 16.50 -2.77
N VAL B 139 7.50 16.80 -2.84
CA VAL B 139 7.93 18.18 -2.97
C VAL B 139 7.86 18.60 -4.44
N LEU B 140 7.01 19.57 -4.75
CA LEU B 140 6.69 19.94 -6.13
C LEU B 140 7.46 21.14 -6.70
N ILE B 141 8.10 21.89 -5.81
CA ILE B 141 8.75 23.14 -6.18
C ILE B 141 9.89 23.40 -5.21
N GLU B 142 11.03 23.83 -5.71
CA GLU B 142 12.11 24.23 -4.84
C GLU B 142 12.76 25.44 -5.46
N VAL B 143 12.91 26.52 -4.69
CA VAL B 143 13.50 27.78 -5.20
C VAL B 143 14.80 28.12 -4.54
N GLU B 144 15.76 28.56 -5.35
CA GLU B 144 17.07 29.00 -4.86
C GLU B 144 17.19 30.49 -5.10
N ALA B 145 17.59 31.23 -4.09
CA ALA B 145 17.59 32.67 -4.15
C ALA B 145 18.99 33.25 -4.00
N THR B 146 19.26 34.27 -4.79
CA THR B 146 20.46 35.04 -4.60
C THR B 146 20.12 36.53 -4.34
N VAL B 147 20.79 37.09 -3.33
CA VAL B 147 20.49 38.44 -2.87
C VAL B 147 21.66 39.42 -3.10
N TRP B 148 21.35 40.62 -3.60
CA TRP B 148 22.31 41.74 -3.62
C TRP B 148 21.91 42.77 -2.58
N LEU B 149 22.82 42.97 -1.63
CA LEU B 149 22.52 43.76 -0.46
C LEU B 149 23.85 44.31 0.11
N PRO B 150 24.32 45.48 -0.39
CA PRO B 150 25.59 46.14 0.01
C PRO B 150 25.75 46.36 1.53
N ALA C 16 -25.91 17.80 -6.28
CA ALA C 16 -26.00 16.51 -5.54
C ALA C 16 -27.08 15.65 -6.17
N TRP C 17 -28.32 16.15 -6.17
CA TRP C 17 -29.42 15.55 -6.96
C TRP C 17 -30.37 16.58 -7.56
N ARG C 18 -31.16 16.17 -8.56
CA ARG C 18 -32.10 17.07 -9.21
C ARG C 18 -33.25 16.27 -9.76
N ARG C 19 -34.43 16.88 -9.69
CA ARG C 19 -35.64 16.30 -10.22
C ARG C 19 -35.89 16.81 -11.62
N ALA C 20 -36.32 15.92 -12.50
CA ALA C 20 -36.72 16.31 -13.83
C ALA C 20 -37.83 15.36 -14.17
N GLY C 21 -39.07 15.84 -14.08
CA GLY C 21 -40.24 14.97 -14.17
C GLY C 21 -40.22 13.95 -13.05
N ASP C 22 -40.43 12.68 -13.40
CA ASP C 22 -40.45 11.56 -12.42
C ASP C 22 -39.07 11.01 -12.06
N PHE C 23 -38.04 11.44 -12.77
CA PHE C 23 -36.69 10.97 -12.51
C PHE C 23 -35.96 11.83 -11.50
N ILE C 24 -35.04 11.22 -10.77
CA ILE C 24 -34.04 11.97 -10.03
C ILE C 24 -32.67 11.51 -10.50
N PHE C 25 -31.81 12.49 -10.70
CA PHE C 25 -30.45 12.32 -11.17
C PHE C 25 -29.48 12.72 -10.10
N LEU C 26 -28.52 11.85 -9.85
CA LEU C 26 -27.48 12.10 -8.84
C LEU C 26 -26.12 12.40 -9.44
N SER C 27 -25.36 13.27 -8.78
CA SER C 27 -23.98 13.48 -9.15
C SER C 27 -23.26 12.18 -8.90
N GLY C 28 -22.17 11.95 -9.65
CA GLY C 28 -21.36 10.78 -9.37
C GLY C 28 -20.94 10.88 -7.91
N ILE C 29 -21.16 9.82 -7.13
CA ILE C 29 -20.68 9.82 -5.76
C ILE C 29 -19.35 9.09 -5.56
N ILE C 30 -18.47 9.74 -4.82
CA ILE C 30 -17.17 9.19 -4.49
C ILE C 30 -17.08 8.89 -2.98
N PRO C 31 -16.19 7.98 -2.57
CA PRO C 31 -16.12 7.59 -1.14
C PRO C 31 -15.38 8.59 -0.23
N VAL C 32 -15.92 9.81 -0.12
CA VAL C 32 -15.30 10.85 0.71
C VAL C 32 -16.24 11.25 1.84
N ASN C 33 -15.65 11.42 3.02
CA ASN C 33 -16.35 11.90 4.22
C ASN C 33 -16.73 13.41 4.07
N PRO C 34 -18.04 13.72 4.21
CA PRO C 34 -18.53 15.09 3.94
C PRO C 34 -18.63 15.95 5.21
N THR C 36 -14.54 15.25 8.05
CA THR C 36 -13.12 14.87 8.14
C THR C 36 -12.42 15.37 6.89
N GLY C 37 -13.20 15.70 5.86
CA GLY C 37 -12.72 15.98 4.50
C GLY C 37 -11.94 14.85 3.82
N THR C 38 -11.95 13.65 4.38
CA THR C 38 -11.01 12.62 3.91
C THR C 38 -11.57 11.46 3.07
N ILE C 39 -10.70 10.91 2.22
CA ILE C 39 -11.03 9.73 1.43
C ILE C 39 -11.03 8.45 2.28
N VAL C 40 -12.14 7.75 2.24
CA VAL C 40 -12.30 6.48 2.94
C VAL C 40 -11.31 5.46 2.37
N ASN C 41 -10.58 4.78 3.23
CA ASN C 41 -9.59 3.86 2.72
C ASN C 41 -9.33 2.61 3.54
N GLY C 42 -10.35 2.07 4.19
CA GLY C 42 -10.14 0.86 4.92
C GLY C 42 -11.26 0.62 5.88
N PHE C 43 -11.33 -0.60 6.40
CA PHE C 43 -12.38 -0.97 7.35
C PHE C 43 -12.54 -0.03 8.54
N GLN C 44 -11.44 0.54 9.00
CA GLN C 44 -11.49 1.46 10.11
C GLN C 44 -12.38 2.69 9.82
N ASP C 45 -12.65 3.00 8.56
CA ASP C 45 -13.42 4.18 8.25
C ASP C 45 -14.91 3.86 8.17
N VAL C 46 -15.27 2.62 8.54
CA VAL C 46 -16.67 2.19 8.56
C VAL C 46 -17.02 1.59 9.92
N PRO C 47 -18.26 1.80 10.39
CA PRO C 47 -18.76 1.30 11.68
C PRO C 47 -18.65 -0.21 11.84
N GLU C 48 -18.16 -0.62 13.01
CA GLU C 48 -18.02 -2.03 13.42
C GLU C 48 -19.07 -3.04 12.89
N PRO C 49 -20.39 -2.78 13.11
CA PRO C 49 -21.39 -3.73 12.60
C PRO C 49 -21.23 -4.10 11.11
N VAL C 50 -20.90 -3.12 10.27
CA VAL C 50 -20.86 -3.32 8.81
C VAL C 50 -19.61 -4.06 8.31
N ARG C 51 -18.48 -3.88 9.01
CA ARG C 51 -17.26 -4.64 8.72
C ARG C 51 -17.53 -6.13 8.59
N GLU C 52 -18.20 -6.71 9.59
CA GLU C 52 -18.56 -8.12 9.55
C GLU C 52 -19.36 -8.37 8.27
N LEU C 53 -20.25 -7.43 7.95
CA LEU C 53 -21.12 -7.57 6.79
C LEU C 53 -20.40 -7.50 5.44
N LEU C 54 -19.37 -6.65 5.34
CA LEU C 54 -18.66 -6.52 4.07
C LEU C 54 -17.77 -7.72 3.79
N GLY C 55 -17.61 -8.59 4.79
CA GLY C 55 -16.81 -9.79 4.66
C GLY C 55 -15.47 -9.64 5.32
N ALA C 56 -15.30 -8.64 6.17
CA ALA C 56 -14.08 -8.51 6.95
C ALA C 56 -13.74 -9.84 7.61
N THR C 57 -12.45 -10.10 7.69
CA THR C 57 -11.95 -11.45 7.91
C THR C 57 -11.28 -11.57 9.27
N GLY C 58 -10.80 -10.44 9.79
CA GLY C 58 -10.03 -10.41 11.04
C GLY C 58 -8.52 -10.49 10.83
N GLU C 59 -8.09 -11.38 9.93
CA GLU C 59 -6.71 -11.53 9.55
C GLU C 59 -6.20 -10.34 8.76
N PHE C 60 -4.95 -10.01 9.02
CA PHE C 60 -4.40 -8.68 8.77
C PHE C 60 -4.06 -8.39 7.30
N SER C 61 -3.36 -9.32 6.66
CA SER C 61 -3.03 -9.24 5.26
C SER C 61 -4.29 -9.18 4.39
N THR C 62 -5.28 -10.05 4.66
CA THR C 62 -6.50 -10.08 3.86
C THR C 62 -7.27 -8.76 3.96
N ASP C 63 -7.52 -8.33 5.19
CA ASP C 63 -8.32 -7.14 5.41
C ASP C 63 -7.59 -5.87 4.92
N ALA C 64 -6.26 -5.91 4.89
CA ALA C 64 -5.48 -4.82 4.28
C ALA C 64 -5.74 -4.69 2.78
N LYS C 65 -5.84 -5.82 2.07
CA LYS C 65 -6.15 -5.83 0.64
C LYS C 65 -7.65 -5.59 0.29
N GLN C 66 -8.58 -6.18 1.04
CA GLN C 66 -9.98 -6.04 0.64
C GLN C 66 -10.62 -4.78 1.18
N GLY C 67 -10.07 -4.30 2.28
CA GLY C 67 -10.75 -3.29 3.07
C GLY C 67 -10.96 -1.96 2.38
N PRO C 68 -9.94 -1.45 1.66
CA PRO C 68 -10.16 -0.20 0.93
C PRO C 68 -11.38 -0.23 -0.02
N ILE C 69 -11.45 -1.20 -0.92
CA ILE C 69 -12.54 -1.27 -1.88
C ILE C 69 -13.90 -1.58 -1.23
N LEU C 70 -13.94 -2.50 -0.27
CA LEU C 70 -15.23 -2.85 0.35
C LEU C 70 -15.77 -1.61 1.06
N ALA C 71 -14.90 -0.99 1.84
CA ALA C 71 -15.26 0.21 2.58
C ALA C 71 -15.68 1.33 1.65
N GLN C 72 -14.91 1.51 0.58
CA GLN C 72 -15.18 2.56 -0.40
C GLN C 72 -16.51 2.29 -1.08
N SER C 73 -16.77 1.03 -1.43
CA SER C 73 -17.97 0.68 -2.16
C SER C 73 -19.19 0.91 -1.30
N TRP C 74 -19.08 0.46 -0.05
CA TRP C 74 -20.15 0.57 0.92
C TRP C 74 -20.43 2.01 1.20
N TYR C 75 -19.36 2.78 1.35
CA TYR C 75 -19.50 4.20 1.61
C TYR C 75 -20.29 4.87 0.51
N VAL C 76 -20.05 4.45 -0.72
CA VAL C 76 -20.64 5.12 -1.87
C VAL C 76 -22.10 4.72 -2.02
N LEU C 77 -22.34 3.42 -1.89
CA LEU C 77 -23.69 2.90 -1.98
C LEU C 77 -24.56 3.44 -0.86
N GLU C 78 -24.04 3.49 0.37
CA GLU C 78 -24.82 4.00 1.46
C GLU C 78 -25.11 5.46 1.22
N SER C 79 -24.09 6.24 0.82
CA SER C 79 -24.35 7.64 0.43
C SER C 79 -25.46 7.77 -0.57
N ILE C 80 -25.55 6.81 -1.50
CA ILE C 80 -26.60 6.84 -2.49
C ILE C 80 -27.93 6.59 -1.80
N ARG C 81 -27.97 5.57 -0.92
CA ARG C 81 -29.19 5.22 -0.20
C ARG C 81 -29.73 6.46 0.51
N ARG C 82 -28.89 7.08 1.34
CA ARG C 82 -29.34 8.21 2.13
C ARG C 82 -29.88 9.33 1.25
N THR C 83 -29.16 9.69 0.19
CA THR C 83 -29.61 10.73 -0.74
C THR C 83 -30.97 10.37 -1.34
N VAL C 84 -31.21 9.09 -1.56
CA VAL C 84 -32.48 8.67 -2.14
C VAL C 84 -33.59 8.66 -1.08
N ALA C 85 -33.25 8.31 0.16
CA ALA C 85 -34.16 8.44 1.27
C ALA C 85 -34.59 9.90 1.46
N SER C 86 -33.60 10.79 1.52
CA SER C 86 -33.86 12.23 1.66
C SER C 86 -34.63 12.81 0.46
N ALA C 87 -35.11 11.96 -0.42
CA ALA C 87 -35.92 12.44 -1.52
C ALA C 87 -37.24 11.68 -1.64
N GLY C 88 -37.46 10.71 -0.74
CA GLY C 88 -38.72 10.00 -0.66
C GLY C 88 -38.65 8.52 -0.99
N GLY C 89 -37.62 8.11 -1.72
CA GLY C 89 -37.49 6.73 -2.19
C GLY C 89 -36.63 5.81 -1.35
N GLN C 90 -36.63 4.53 -1.70
CA GLN C 90 -35.57 3.61 -1.24
C GLN C 90 -34.72 3.11 -2.43
N SER C 92 -34.58 0.44 -4.24
CA SER C 92 -35.24 -0.15 -5.39
C SER C 92 -35.74 0.89 -6.43
N ASP C 93 -35.84 2.16 -6.03
CA ASP C 93 -36.15 3.24 -6.99
C ASP C 93 -34.93 3.69 -7.81
N VAL C 94 -33.75 3.19 -7.44
CA VAL C 94 -32.54 3.38 -8.21
C VAL C 94 -32.54 2.32 -9.30
N ILE C 95 -32.75 2.76 -10.55
CA ILE C 95 -32.88 1.81 -11.67
C ILE C 95 -31.64 1.65 -12.56
N LYS C 96 -30.75 2.65 -12.54
CA LYS C 96 -29.54 2.63 -13.36
C LYS C 96 -28.37 3.12 -12.54
N LEU C 97 -27.34 2.28 -12.49
CA LEU C 97 -26.04 2.65 -11.94
C LEU C 97 -24.98 2.68 -13.04
N VAL C 98 -24.29 3.80 -13.14
CA VAL C 98 -23.05 3.83 -13.90
C VAL C 98 -21.90 3.73 -12.89
N GLN C 99 -21.05 2.72 -13.07
CA GLN C 99 -20.00 2.38 -12.08
C GLN C 99 -18.57 2.43 -12.66
N TYR C 100 -17.75 3.30 -12.07
CA TYR C 100 -16.40 3.58 -12.57
C TYR C 100 -15.35 3.04 -11.62
N PHE C 101 -14.37 2.31 -12.15
CA PHE C 101 -13.36 1.65 -11.31
C PHE C 101 -11.97 2.08 -11.75
N ARG C 102 -11.04 2.23 -10.83
CA ARG C 102 -9.64 2.28 -11.23
C ARG C 102 -9.10 0.88 -11.63
N ASN C 103 -9.69 -0.18 -11.08
CA ASN C 103 -9.24 -1.50 -11.39
C ASN C 103 -10.39 -2.53 -11.39
N LEU C 104 -10.74 -3.03 -12.57
CA LEU C 104 -11.81 -4.02 -12.64
C LEU C 104 -11.58 -5.26 -11.80
N ASP C 105 -10.31 -5.57 -11.47
CA ASP C 105 -10.05 -6.65 -10.51
C ASP C 105 -10.80 -6.43 -9.19
N HIS C 106 -11.14 -5.20 -8.86
CA HIS C 106 -11.94 -4.95 -7.66
C HIS C 106 -13.41 -5.36 -7.79
N PHE C 107 -13.88 -5.59 -9.02
CA PHE C 107 -15.31 -5.76 -9.23
C PHE C 107 -15.99 -6.78 -8.34
N PRO C 108 -15.37 -7.96 -8.10
CA PRO C 108 -15.97 -8.99 -7.24
C PRO C 108 -16.32 -8.49 -5.83
N TYR C 109 -15.39 -7.72 -5.23
CA TYR C 109 -15.66 -7.07 -3.96
C TYR C 109 -16.84 -6.14 -4.07
N TYR C 110 -16.85 -5.33 -5.13
CA TYR C 110 -17.91 -4.34 -5.30
C TYR C 110 -19.28 -5.01 -5.45
N SER C 111 -19.32 -6.08 -6.22
CA SER C 111 -20.53 -6.81 -6.50
C SER C 111 -21.06 -7.45 -5.23
N ARG C 112 -20.17 -7.85 -4.33
CA ARG C 112 -20.59 -8.37 -3.04
C ARG C 112 -21.28 -7.27 -2.22
N VAL C 113 -20.70 -6.07 -2.21
CA VAL C 113 -21.27 -4.99 -1.42
C VAL C 113 -22.60 -4.60 -2.01
N ARG C 114 -22.71 -4.61 -3.34
CA ARG C 114 -23.91 -4.13 -3.98
C ARG C 114 -25.10 -5.06 -3.77
N LYS C 115 -24.82 -6.35 -3.75
CA LYS C 115 -25.80 -7.38 -3.41
C LYS C 115 -26.41 -7.14 -2.03
N LEU C 116 -25.69 -6.43 -1.14
CA LEU C 116 -26.28 -6.01 0.12
C LEU C 116 -27.36 -4.98 -0.03
N PHE C 117 -27.25 -4.10 -1.01
CA PHE C 117 -28.20 -3.01 -1.18
C PHE C 117 -29.32 -3.34 -2.16
N TYR C 118 -29.11 -4.39 -2.96
CA TYR C 118 -30.12 -4.89 -3.89
C TYR C 118 -30.24 -6.37 -3.69
N PRO C 119 -30.88 -6.79 -2.58
CA PRO C 119 -30.85 -8.25 -2.32
C PRO C 119 -31.64 -9.04 -3.35
N ASP C 120 -32.74 -8.45 -3.87
CA ASP C 120 -33.62 -9.10 -4.88
C ASP C 120 -33.10 -9.01 -6.32
N GLN C 121 -33.53 -7.96 -7.03
CA GLN C 121 -33.17 -7.74 -8.43
C GLN C 121 -32.31 -6.47 -8.59
N PRO C 122 -31.10 -6.63 -9.18
CA PRO C 122 -30.16 -5.52 -9.32
C PRO C 122 -30.73 -4.48 -10.29
N PRO C 123 -30.12 -3.29 -10.35
CA PRO C 123 -30.54 -2.34 -11.39
C PRO C 123 -29.78 -2.55 -12.68
N VAL C 124 -30.25 -1.91 -13.73
CA VAL C 124 -29.51 -1.74 -14.97
C VAL C 124 -28.11 -1.17 -14.66
N SER C 125 -27.08 -1.74 -15.29
CA SER C 125 -25.71 -1.56 -14.83
C SER C 125 -24.73 -1.30 -15.96
N THR C 126 -23.84 -0.34 -15.76
CA THR C 126 -22.71 -0.11 -16.63
C THR C 126 -21.44 -0.07 -15.78
N VAL C 127 -20.41 -0.76 -16.29
CA VAL C 127 -19.15 -0.98 -15.58
C VAL C 127 -17.98 -0.82 -16.51
N VAL C 128 -17.19 0.22 -16.27
CA VAL C 128 -15.94 0.44 -16.98
C VAL C 128 -14.80 0.77 -16.03
N GLN C 129 -13.58 0.46 -16.49
CA GLN C 129 -12.37 0.86 -15.82
C GLN C 129 -11.90 2.14 -16.50
N VAL C 130 -11.71 3.17 -15.70
CA VAL C 130 -11.23 4.47 -16.16
C VAL C 130 -9.87 4.68 -15.49
N SER C 131 -9.23 5.85 -15.66
CA SER C 131 -7.89 6.11 -15.08
C SER C 131 -7.88 6.64 -13.64
N GLU C 132 -8.65 7.69 -13.39
CA GLU C 132 -8.72 8.39 -12.10
C GLU C 132 -10.12 9.00 -11.96
N LEU C 134 -11.97 12.13 -9.18
CA LEU C 134 -11.69 13.17 -8.19
C LEU C 134 -11.82 12.57 -6.79
N PRO C 135 -11.01 13.05 -5.82
CA PRO C 135 -10.08 14.17 -6.05
C PRO C 135 -8.65 13.72 -6.24
N ASP C 136 -8.42 12.41 -6.16
CA ASP C 136 -7.09 11.85 -6.44
C ASP C 136 -7.18 10.36 -6.68
N ALA C 137 -6.02 9.74 -6.91
CA ALA C 137 -5.87 8.33 -7.25
C ALA C 137 -6.20 7.30 -6.15
N THR C 138 -6.53 7.74 -4.94
CA THR C 138 -6.83 6.78 -3.91
C THR C 138 -8.29 6.34 -4.00
N VAL C 139 -9.09 7.09 -4.78
CA VAL C 139 -10.51 6.76 -4.94
C VAL C 139 -10.64 5.62 -5.93
N LEU C 140 -11.20 4.49 -5.52
CA LEU C 140 -11.19 3.31 -6.35
C LEU C 140 -12.49 3.08 -7.10
N ILE C 141 -13.55 3.76 -6.68
CA ILE C 141 -14.87 3.46 -7.17
C ILE C 141 -15.72 4.73 -7.18
N GLU C 142 -16.35 5.01 -8.31
CA GLU C 142 -17.35 6.05 -8.35
C GLU C 142 -18.62 5.51 -8.97
N VAL C 143 -19.74 5.87 -8.35
CA VAL C 143 -21.05 5.46 -8.84
C VAL C 143 -21.94 6.66 -9.09
N GLU C 144 -22.55 6.66 -10.28
CA GLU C 144 -23.53 7.64 -10.67
C GLU C 144 -24.88 6.97 -10.74
N ALA C 145 -25.85 7.51 -10.00
CA ALA C 145 -27.16 6.89 -9.85
C ALA C 145 -28.25 7.63 -10.60
N THR C 146 -29.21 6.87 -11.11
CA THR C 146 -30.42 7.46 -11.73
C THR C 146 -31.69 6.86 -11.09
N VAL C 147 -32.50 7.72 -10.49
CA VAL C 147 -33.66 7.27 -9.72
C VAL C 147 -34.96 7.51 -10.46
N TRP C 148 -35.86 6.53 -10.41
CA TRP C 148 -37.22 6.72 -10.91
C TRP C 148 -38.20 6.78 -9.76
N LEU C 149 -38.68 7.99 -9.49
CA LEU C 149 -39.58 8.22 -8.38
C LEU C 149 -40.65 9.22 -8.78
N PRO C 150 -41.79 8.72 -9.28
CA PRO C 150 -42.97 9.53 -9.58
C PRO C 150 -43.56 10.12 -8.31
N TYR D 14 -2.26 -18.46 10.12
CA TYR D 14 -0.93 -19.14 10.18
C TYR D 14 -0.20 -18.98 11.50
N ALA D 15 0.84 -19.81 11.69
CA ALA D 15 1.61 -19.93 12.95
C ALA D 15 2.93 -19.13 12.98
N ALA D 16 3.01 -18.17 13.91
CA ALA D 16 4.23 -17.37 14.10
C ALA D 16 5.52 -18.22 13.97
N TRP D 17 5.58 -19.34 14.68
CA TRP D 17 6.64 -20.34 14.50
C TRP D 17 6.09 -21.74 14.72
N ARG D 18 6.80 -22.74 14.21
CA ARG D 18 6.45 -24.13 14.45
C ARG D 18 7.68 -24.98 14.62
N ARG D 19 7.57 -25.91 15.56
CA ARG D 19 8.64 -26.80 15.96
C ARG D 19 8.51 -28.09 15.18
N ALA D 20 9.62 -28.52 14.58
CA ALA D 20 9.63 -29.80 13.86
C ALA D 20 10.95 -30.52 14.13
N GLY D 21 10.91 -31.48 15.06
CA GLY D 21 12.13 -32.15 15.52
C GLY D 21 13.01 -31.20 16.30
N ASP D 22 14.28 -31.10 15.90
CA ASP D 22 15.22 -30.14 16.50
C ASP D 22 15.17 -28.74 15.86
N PHE D 23 14.37 -28.57 14.81
CA PHE D 23 14.32 -27.29 14.09
C PHE D 23 13.12 -26.43 14.45
N ILE D 24 13.32 -25.13 14.42
CA ILE D 24 12.19 -24.22 14.51
C ILE D 24 12.12 -23.37 13.26
N PHE D 25 10.98 -23.46 12.57
CA PHE D 25 10.65 -22.61 11.41
C PHE D 25 9.82 -21.42 11.84
N LEU D 26 10.29 -20.25 11.45
CA LEU D 26 9.52 -19.03 11.62
C LEU D 26 8.89 -18.68 10.31
N SER D 27 7.69 -18.10 10.40
CA SER D 27 7.11 -17.41 9.28
C SER D 27 7.99 -16.23 8.89
N GLY D 28 7.91 -15.85 7.61
CA GLY D 28 8.43 -14.57 7.13
C GLY D 28 7.85 -13.46 7.99
N ILE D 29 8.68 -12.50 8.34
CA ILE D 29 8.30 -11.45 9.26
C ILE D 29 8.46 -10.08 8.59
N ILE D 30 7.45 -9.24 8.77
CA ILE D 30 7.44 -7.91 8.18
C ILE D 30 7.35 -6.83 9.26
N PRO D 31 7.72 -5.57 8.95
CA PRO D 31 7.74 -4.47 9.96
C PRO D 31 6.38 -3.83 10.30
N VAL D 32 5.58 -4.51 11.12
CA VAL D 32 4.32 -3.97 11.65
C VAL D 32 4.32 -4.05 13.18
N ASN D 33 3.67 -3.10 13.86
CA ASN D 33 3.48 -3.18 15.33
C ASN D 33 2.32 -4.13 15.67
N THR D 36 -0.38 -0.66 17.91
CA THR D 36 -0.85 0.07 16.72
C THR D 36 -0.65 -0.74 15.46
N GLY D 37 -1.68 -0.77 14.60
CA GLY D 37 -1.63 -1.57 13.37
C GLY D 37 -0.76 -1.06 12.21
N THR D 38 0.14 -0.10 12.48
CA THR D 38 0.87 0.61 11.42
C THR D 38 2.08 -0.16 10.86
N ILE D 39 2.50 0.25 9.66
CA ILE D 39 3.72 -0.25 9.06
C ILE D 39 4.85 0.71 9.37
N VAL D 40 5.86 0.20 10.05
CA VAL D 40 7.07 0.93 10.38
C VAL D 40 7.53 1.75 9.16
N ASN D 41 7.71 3.05 9.32
CA ASN D 41 8.09 3.88 8.18
C ASN D 41 9.12 4.98 8.45
N GLY D 42 9.75 4.95 9.63
CA GLY D 42 10.82 5.88 9.93
C GLY D 42 11.39 5.73 11.33
N PHE D 43 12.41 6.53 11.65
CA PHE D 43 13.03 6.52 12.97
C PHE D 43 12.03 6.75 14.09
N GLN D 44 11.07 7.64 13.86
CA GLN D 44 10.02 7.95 14.82
C GLN D 44 9.36 6.68 15.39
N ASP D 45 9.32 5.61 14.61
CA ASP D 45 8.65 4.38 15.02
C ASP D 45 9.50 3.53 15.96
N VAL D 46 10.76 3.92 16.15
CA VAL D 46 11.68 3.14 17.00
C VAL D 46 12.20 3.92 18.22
N PRO D 47 12.39 3.21 19.36
CA PRO D 47 12.96 3.74 20.62
C PRO D 47 14.22 4.58 20.41
N GLU D 48 14.31 5.70 21.11
CA GLU D 48 15.39 6.69 20.88
C GLU D 48 16.83 6.14 21.01
N PRO D 49 17.11 5.24 22.00
CA PRO D 49 18.49 4.71 22.11
C PRO D 49 18.89 3.97 20.85
N VAL D 50 17.90 3.38 20.19
CA VAL D 50 18.15 2.54 19.04
C VAL D 50 18.51 3.40 17.82
N ARG D 51 17.83 4.54 17.68
CA ARG D 51 18.07 5.47 16.58
C ARG D 51 19.55 5.79 16.43
N GLU D 52 20.17 6.30 17.51
CA GLU D 52 21.60 6.59 17.44
C GLU D 52 22.35 5.31 17.06
N LEU D 53 21.88 4.17 17.57
CA LEU D 53 22.51 2.87 17.25
C LEU D 53 22.39 2.43 15.78
N LEU D 54 21.32 2.85 15.10
CA LEU D 54 21.14 2.50 13.68
C LEU D 54 21.91 3.45 12.74
N GLY D 55 22.35 4.58 13.29
CA GLY D 55 23.14 5.52 12.53
C GLY D 55 22.44 6.83 12.23
N ALA D 56 21.34 7.11 12.92
CA ALA D 56 20.64 8.37 12.74
C ALA D 56 21.61 9.53 12.94
N THR D 57 21.60 10.47 11.99
CA THR D 57 22.59 11.55 11.97
C THR D 57 22.06 12.79 12.63
N GLY D 58 20.73 12.91 12.71
CA GLY D 58 20.08 14.14 13.13
C GLY D 58 19.77 15.09 11.98
N GLU D 59 20.35 14.85 10.81
CA GLU D 59 20.10 15.72 9.66
C GLU D 59 18.78 15.32 9.03
N PHE D 60 17.95 16.32 8.76
CA PHE D 60 16.64 16.08 8.24
C PHE D 60 16.65 15.16 7.02
N SER D 61 17.30 15.60 5.94
CA SER D 61 17.27 14.84 4.69
C SER D 61 17.91 13.45 4.74
N THR D 62 19.00 13.31 5.48
CA THR D 62 19.61 11.99 5.62
C THR D 62 18.67 11.00 6.32
N ASP D 63 18.14 11.40 7.46
CA ASP D 63 17.23 10.54 8.22
C ASP D 63 15.94 10.20 7.48
N ALA D 64 15.47 11.10 6.61
CA ALA D 64 14.27 10.84 5.83
C ALA D 64 14.52 9.69 4.85
N LYS D 65 15.73 9.62 4.30
CA LYS D 65 16.03 8.58 3.33
C LYS D 65 16.38 7.27 4.04
N GLN D 66 17.44 7.27 4.84
CA GLN D 66 17.90 6.05 5.52
C GLN D 66 16.91 5.48 6.54
N GLY D 67 16.11 6.35 7.12
CA GLY D 67 15.25 5.98 8.23
C GLY D 67 14.33 4.79 8.00
N PRO D 68 13.45 4.86 6.97
CA PRO D 68 12.52 3.74 6.84
C PRO D 68 13.21 2.39 6.68
N ILE D 69 14.25 2.29 5.87
CA ILE D 69 14.87 0.98 5.69
C ILE D 69 15.52 0.51 7.00
N LEU D 70 16.22 1.41 7.69
CA LEU D 70 16.91 1.08 8.96
C LEU D 70 15.92 0.63 10.01
N ALA D 71 14.83 1.39 10.13
CA ALA D 71 13.78 1.11 11.11
C ALA D 71 13.08 -0.21 10.81
N GLN D 72 12.73 -0.42 9.54
CA GLN D 72 12.06 -1.63 9.15
C GLN D 72 12.96 -2.84 9.38
N SER D 73 14.24 -2.71 9.05
CA SER D 73 15.18 -3.81 9.23
C SER D 73 15.35 -4.16 10.69
N TRP D 74 15.36 -3.14 11.55
CA TRP D 74 15.54 -3.37 12.95
C TRP D 74 14.32 -4.08 13.48
N TYR D 75 13.15 -3.55 13.12
CA TYR D 75 11.88 -4.11 13.58
C TYR D 75 11.73 -5.59 13.18
N VAL D 76 12.15 -5.93 11.97
CA VAL D 76 12.06 -7.30 11.53
C VAL D 76 13.01 -8.18 12.32
N LEU D 77 14.24 -7.68 12.50
CA LEU D 77 15.24 -8.48 13.19
C LEU D 77 14.92 -8.66 14.69
N GLU D 78 14.48 -7.61 15.36
CA GLU D 78 14.09 -7.67 16.77
C GLU D 78 12.87 -8.59 17.01
N SER D 79 11.87 -8.51 16.12
CA SER D 79 10.74 -9.45 16.15
C SER D 79 11.20 -10.89 16.01
N ILE D 80 12.19 -11.13 15.16
CA ILE D 80 12.74 -12.47 15.08
C ILE D 80 13.37 -12.86 16.43
N ARG D 81 14.20 -11.96 17.01
CA ARG D 81 14.86 -12.20 18.31
C ARG D 81 13.84 -12.49 19.42
N ARG D 82 12.73 -11.75 19.43
CA ARG D 82 11.70 -11.95 20.42
C ARG D 82 10.99 -13.27 20.16
N THR D 83 10.55 -13.52 18.92
CA THR D 83 9.87 -14.77 18.56
C THR D 83 10.76 -15.99 18.87
N VAL D 84 12.02 -15.89 18.53
CA VAL D 84 12.98 -16.96 18.80
C VAL D 84 13.15 -17.20 20.30
N ALA D 85 13.34 -16.14 21.07
CA ALA D 85 13.48 -16.24 22.53
C ALA D 85 12.23 -16.88 23.13
N SER D 86 11.06 -16.41 22.69
CA SER D 86 9.79 -16.92 23.17
C SER D 86 9.59 -18.38 22.80
N ALA D 87 10.63 -18.99 22.23
CA ALA D 87 10.65 -20.43 21.97
C ALA D 87 11.89 -21.03 22.63
N GLY D 88 12.65 -20.18 23.34
CA GLY D 88 13.74 -20.66 24.15
C GLY D 88 15.13 -20.56 23.57
N GLY D 89 15.27 -19.85 22.44
CA GLY D 89 16.59 -19.72 21.77
C GLY D 89 17.14 -18.30 21.79
N GLN D 90 18.34 -18.14 21.25
CA GLN D 90 18.96 -16.82 21.04
C GLN D 90 19.32 -16.63 19.54
N SER D 92 21.96 -16.62 17.75
CA SER D 92 22.93 -17.58 17.17
C SER D 92 22.38 -19.00 17.02
N ASP D 93 21.12 -19.19 17.37
CA ASP D 93 20.43 -20.46 17.08
C ASP D 93 19.84 -20.47 15.65
N VAL D 94 19.74 -19.28 15.04
CA VAL D 94 19.29 -19.11 13.67
C VAL D 94 20.36 -19.56 12.68
N ILE D 95 20.06 -20.60 11.91
CA ILE D 95 21.02 -21.12 10.95
C ILE D 95 20.92 -20.40 9.61
N LYS D 96 19.68 -20.15 9.20
CA LYS D 96 19.34 -19.74 7.85
C LYS D 96 18.52 -18.45 7.91
N LEU D 97 18.95 -17.48 7.11
CA LEU D 97 18.07 -16.35 6.80
C LEU D 97 17.78 -16.33 5.31
N VAL D 98 16.49 -16.21 4.99
CA VAL D 98 16.08 -15.86 3.63
C VAL D 98 15.51 -14.45 3.70
N GLN D 99 16.13 -13.56 2.93
CA GLN D 99 15.83 -12.10 2.98
C GLN D 99 15.28 -11.56 1.65
N TYR D 100 14.07 -11.01 1.70
CA TYR D 100 13.41 -10.44 0.53
C TYR D 100 13.44 -8.90 0.57
N PHE D 101 13.83 -8.28 -0.55
CA PHE D 101 13.83 -6.81 -0.69
C PHE D 101 12.96 -6.33 -1.84
N ARG D 102 12.37 -5.14 -1.69
CA ARG D 102 11.83 -4.42 -2.84
C ARG D 102 12.96 -3.80 -3.65
N ASN D 103 14.08 -3.52 -2.98
CA ASN D 103 15.16 -2.81 -3.64
C ASN D 103 16.49 -3.15 -3.04
N LEU D 104 17.24 -4.02 -3.70
CA LEU D 104 18.59 -4.36 -3.23
C LEU D 104 19.57 -3.20 -2.96
N ASP D 105 19.31 -2.01 -3.47
CA ASP D 105 20.14 -0.86 -3.11
C ASP D 105 19.97 -0.47 -1.63
N HIS D 106 18.90 -0.96 -1.00
CA HIS D 106 18.74 -0.88 0.45
C HIS D 106 19.65 -1.86 1.23
N PHE D 107 20.24 -2.86 0.57
CA PHE D 107 21.06 -3.86 1.30
C PHE D 107 22.10 -3.29 2.31
N PRO D 108 22.91 -2.26 1.93
CA PRO D 108 23.89 -1.70 2.89
C PRO D 108 23.28 -1.27 4.23
N TYR D 109 22.04 -0.83 4.19
CA TYR D 109 21.33 -0.38 5.37
C TYR D 109 20.90 -1.55 6.21
N TYR D 110 20.38 -2.56 5.53
CA TYR D 110 19.99 -3.77 6.18
C TYR D 110 21.23 -4.38 6.82
N SER D 111 22.32 -4.41 6.09
CA SER D 111 23.52 -5.11 6.52
C SER D 111 24.18 -4.51 7.79
N ARG D 112 24.00 -3.19 7.98
CA ARG D 112 24.49 -2.49 9.15
C ARG D 112 23.69 -2.95 10.37
N VAL D 113 22.39 -3.13 10.17
CA VAL D 113 21.53 -3.53 11.26
C VAL D 113 21.77 -4.99 11.58
N ARG D 114 21.83 -5.84 10.57
CA ARG D 114 22.10 -7.24 10.79
C ARG D 114 23.39 -7.44 11.58
N LYS D 115 24.34 -6.54 11.41
CA LYS D 115 25.58 -6.63 12.19
C LYS D 115 25.35 -6.52 13.71
N LEU D 116 24.38 -5.70 14.12
CA LEU D 116 23.95 -5.64 15.52
C LEU D 116 23.30 -6.89 16.10
N PHE D 117 22.94 -7.87 15.27
CA PHE D 117 22.27 -9.08 15.79
C PHE D 117 23.14 -10.32 15.65
N TYR D 118 24.12 -10.23 14.76
CA TYR D 118 25.09 -11.29 14.55
C TYR D 118 26.44 -10.65 14.60
N PRO D 119 26.99 -10.48 15.81
CA PRO D 119 28.33 -9.91 15.91
C PRO D 119 29.38 -11.00 15.74
N ASP D 120 29.11 -12.20 16.28
CA ASP D 120 30.03 -13.36 16.17
C ASP D 120 29.84 -14.05 14.78
N GLN D 121 29.43 -15.34 14.74
CA GLN D 121 29.26 -16.08 13.46
C GLN D 121 27.91 -15.81 12.70
N PRO D 122 27.97 -15.20 11.50
CA PRO D 122 26.75 -14.89 10.68
C PRO D 122 25.95 -16.09 10.16
N PRO D 123 24.61 -15.97 10.09
CA PRO D 123 23.86 -17.15 9.63
C PRO D 123 24.05 -17.31 8.14
N VAL D 124 23.65 -18.47 7.63
CA VAL D 124 23.53 -18.71 6.21
C VAL D 124 22.46 -17.80 5.58
N SER D 125 22.76 -17.30 4.39
CA SER D 125 22.03 -16.18 3.78
C SER D 125 21.56 -16.40 2.33
N THR D 126 20.28 -16.14 2.10
CA THR D 126 19.75 -15.99 0.76
C THR D 126 19.08 -14.62 0.66
N VAL D 127 19.43 -13.90 -0.40
CA VAL D 127 19.04 -12.48 -0.57
C VAL D 127 18.57 -12.24 -2.00
N VAL D 128 17.33 -11.82 -2.14
CA VAL D 128 16.72 -11.59 -3.46
C VAL D 128 15.87 -10.34 -3.44
N GLN D 129 15.79 -9.69 -4.59
CA GLN D 129 14.85 -8.61 -4.81
C GLN D 129 13.59 -9.19 -5.44
N VAL D 130 12.47 -8.92 -4.79
CA VAL D 130 11.18 -9.36 -5.28
C VAL D 130 10.34 -8.13 -5.60
N SER D 131 9.07 -8.28 -5.92
CA SER D 131 8.28 -7.12 -6.34
C SER D 131 7.67 -6.41 -5.20
N GLU D 132 7.08 -7.19 -4.31
CA GLU D 132 6.21 -6.64 -3.30
C GLU D 132 6.13 -7.73 -2.26
N LEU D 134 3.48 -8.61 1.52
CA LEU D 134 2.30 -8.24 2.27
C LEU D 134 2.66 -7.24 3.35
N PRO D 135 1.73 -6.33 3.71
CA PRO D 135 0.39 -6.12 3.14
C PRO D 135 0.29 -5.05 2.05
N ASP D 136 1.39 -4.35 1.77
CA ASP D 136 1.43 -3.38 0.67
C ASP D 136 2.86 -2.96 0.39
N ALA D 137 3.02 -2.06 -0.57
CA ALA D 137 4.29 -1.79 -1.20
C ALA D 137 5.29 -1.05 -0.32
N THR D 138 4.83 -0.50 0.80
CA THR D 138 5.72 0.24 1.70
C THR D 138 6.62 -0.69 2.54
N VAL D 139 6.30 -1.99 2.57
CA VAL D 139 7.21 -2.97 3.16
C VAL D 139 8.40 -3.10 2.24
N LEU D 140 9.60 -2.90 2.79
CA LEU D 140 10.85 -2.87 2.03
C LEU D 140 11.73 -4.09 2.30
N ILE D 141 11.36 -4.85 3.32
CA ILE D 141 12.18 -5.95 3.77
C ILE D 141 11.27 -6.97 4.48
N GLU D 142 11.48 -8.24 4.16
CA GLU D 142 10.84 -9.34 4.87
C GLU D 142 11.94 -10.39 5.07
N VAL D 143 12.07 -10.88 6.30
CA VAL D 143 13.05 -11.93 6.62
C VAL D 143 12.40 -13.22 7.14
N GLU D 144 12.79 -14.35 6.56
CA GLU D 144 12.30 -15.64 7.01
C GLU D 144 13.46 -16.30 7.72
N ALA D 145 13.21 -16.79 8.94
CA ALA D 145 14.30 -17.34 9.73
C ALA D 145 14.08 -18.80 9.98
N THR D 146 15.17 -19.55 10.00
CA THR D 146 15.16 -20.94 10.44
C THR D 146 16.13 -21.20 11.63
N VAL D 147 15.61 -21.88 12.65
CA VAL D 147 16.31 -22.04 13.91
C VAL D 147 16.64 -23.50 14.19
N TRP D 148 17.89 -23.76 14.58
CA TRP D 148 18.28 -25.08 15.06
C TRP D 148 18.44 -25.11 16.59
N LEU D 149 17.43 -25.66 17.27
CA LEU D 149 17.35 -25.64 18.74
C LEU D 149 16.72 -26.92 19.34
N PRO D 150 17.50 -28.02 19.47
CA PRO D 150 17.02 -29.24 20.18
C PRO D 150 16.66 -28.99 21.66
#